data_6SO4
#
_entry.id   6SO4
#
_cell.length_a   45.784
_cell.length_b   86.323
_cell.length_c   126.699
_cell.angle_alpha   90.000
_cell.angle_beta   90.000
_cell.angle_gamma   90.000
#
_symmetry.space_group_name_H-M   'P 21 21 21'
#
loop_
_entity.id
_entity.type
_entity.pdbx_description
1 polymer 'Mitogen-activated protein kinase 14'
2 non-polymer (2~{S})-2-methyl-4-(oxetan-3-yl)-~{N}-(phenylmethyl)piperazine-2-carboxamide
3 non-polymer 'CHLORIDE ION'
4 non-polymer 'MAGNESIUM ION'
5 non-polymer 'SULFATE ION'
6 water water
#
_entity_poly.entity_id   1
_entity_poly.type   'polypeptide(L)'
_entity_poly.pdbx_seq_one_letter_code
;MGSSHHHHHHSQDPENLYFQGMSQERPTFYRQELNKTIWEVPERYQNLSPVGSGAYGSVCAAFDTKTGHRVAVKKLSRPF
QSIIHAKRTYRELRLLKHMKHENVIGLLDVFTPARSLEEFNDVYLVTHLMGADLNNIVKCQKLTDDHVQFLIYQILRGLK
YIHSADIIHRDLKPSNLAVNEDCELKILDFGLARHTDDEMTGYVATRWYRAPEIMLNWMHYNQTVDIWSVGCIMAELLTG
RTLFPGTDHIDQLKLILRLVGTPGAELLKKISSESARNYIQSLAQMPKMNFANVFIGANPLAVDLLEKMLVLDSDKRITA
AQALAHAYFAQYHDPDDEPVADPYDQSFESRDLLIDEWKSLTYDEVISFVPPPLDQEEMES
;
_entity_poly.pdbx_strand_id   A
#
loop_
_chem_comp.id
_chem_comp.type
_chem_comp.name
_chem_comp.formula
CL non-polymer 'CHLORIDE ION' 'Cl -1'
LO8 non-polymer (2~{S})-2-methyl-4-(oxetan-3-yl)-~{N}-(phenylmethyl)piperazine-2-carboxamide 'C16 H23 N3 O2'
MG non-polymer 'MAGNESIUM ION' 'Mg 2'
SO4 non-polymer 'SULFATE ION' 'O4 S -2'
#
# COMPACT_ATOMS: atom_id res chain seq x y z
N ARG A 26 26.82 15.03 14.39
CA ARG A 26 25.48 15.61 14.51
C ARG A 26 25.38 16.92 13.74
N PRO A 27 24.43 17.02 12.81
CA PRO A 27 24.22 18.28 12.12
C PRO A 27 23.72 19.36 13.06
N THR A 28 23.80 20.61 12.60
CA THR A 28 23.19 21.74 13.27
C THR A 28 21.72 21.81 12.88
N PHE A 29 20.84 21.97 13.88
CA PHE A 29 19.41 22.09 13.68
C PHE A 29 18.99 23.56 13.79
N TYR A 30 17.90 23.92 13.11
CA TYR A 30 17.24 25.21 13.29
C TYR A 30 15.74 25.02 13.51
N ARG A 31 15.13 25.96 14.24
CA ARG A 31 13.73 25.89 14.64
C ARG A 31 12.88 26.89 13.87
N GLN A 32 11.61 26.54 13.67
CA GLN A 32 10.66 27.47 13.08
C GLN A 32 9.24 26.96 13.30
N GLU A 33 8.31 27.90 13.35
CA GLU A 33 6.88 27.61 13.55
C GLU A 33 6.17 27.69 12.22
N LEU A 34 5.52 26.59 11.82
CA LEU A 34 4.81 26.52 10.55
C LEU A 34 3.40 26.00 10.81
N ASN A 35 2.40 26.84 10.63
CA ASN A 35 1.00 26.50 10.88
C ASN A 35 0.83 25.91 12.29
N LYS A 36 1.28 26.69 13.27
CA LYS A 36 1.07 26.43 14.70
C LYS A 36 1.78 25.16 15.19
N THR A 37 2.79 24.66 14.48
CA THR A 37 3.62 23.58 15.01
C THR A 37 5.09 23.93 14.82
N ILE A 38 5.90 23.47 15.78
CA ILE A 38 7.33 23.77 15.81
C ILE A 38 8.09 22.68 15.06
N TRP A 39 8.91 23.08 14.10
CA TRP A 39 9.74 22.16 13.34
C TRP A 39 11.20 22.46 13.63
N GLU A 40 11.95 21.44 14.05
CA GLU A 40 13.38 21.58 14.32
C GLU A 40 14.10 20.55 13.45
N VAL A 41 14.82 21.02 12.43
CA VAL A 41 15.34 20.13 11.38
C VAL A 41 16.77 20.51 11.05
N PRO A 42 17.54 19.58 10.49
CA PRO A 42 18.93 19.91 10.06
C PRO A 42 18.95 21.01 8.99
N GLU A 43 20.05 21.78 9.00
CA GLU A 43 20.21 22.91 8.08
C GLU A 43 20.13 22.48 6.63
N ARG A 44 20.47 21.23 6.32
CA ARG A 44 20.40 20.79 4.92
C ARG A 44 19.00 20.95 4.33
N TYR A 45 17.94 20.91 5.14
CA TYR A 45 16.58 21.00 4.63
C TYR A 45 16.12 22.46 4.64
N GLN A 46 15.82 23.00 3.45
CA GLN A 46 15.53 24.42 3.26
C GLN A 46 14.16 24.65 2.63
N ASN A 47 13.64 25.85 2.85
CA ASN A 47 12.42 26.33 2.20
C ASN A 47 11.24 25.39 2.48
N LEU A 48 11.04 25.11 3.76
CA LEU A 48 9.94 24.25 4.21
C LEU A 48 8.61 24.94 3.94
N SER A 49 7.65 24.18 3.41
N SER A 49 7.66 24.19 3.35
CA SER A 49 6.32 24.72 3.03
CA SER A 49 6.33 24.74 3.12
C SER A 49 5.29 23.65 3.35
C SER A 49 5.28 23.67 3.34
N PRO A 50 4.29 23.96 4.19
CA PRO A 50 3.33 22.93 4.61
C PRO A 50 2.50 22.39 3.45
N VAL A 51 2.20 21.08 3.53
CA VAL A 51 1.57 20.38 2.43
C VAL A 51 0.33 19.60 2.90
N GLY A 52 0.35 19.08 4.13
CA GLY A 52 -0.79 18.30 4.57
C GLY A 52 -0.65 17.89 6.02
N SER A 53 -1.71 17.27 6.54
CA SER A 53 -1.74 16.78 7.92
C SER A 53 -2.74 15.63 8.06
N ALA A 55 -3.81 12.49 10.64
CA ALA A 55 -3.92 12.22 12.07
C ALA A 55 -2.64 11.63 12.62
N TYR A 56 -1.80 11.09 11.73
CA TYR A 56 -0.54 10.50 12.13
C TYR A 56 0.62 11.50 12.14
N GLY A 57 0.46 12.65 11.50
CA GLY A 57 1.52 13.65 11.52
C GLY A 57 1.26 14.74 10.50
N SER A 58 2.13 15.74 10.53
CA SER A 58 2.12 16.86 9.59
C SER A 58 3.23 16.66 8.57
N VAL A 59 3.03 17.18 7.36
CA VAL A 59 4.00 17.02 6.28
C VAL A 59 4.35 18.38 5.70
N CYS A 60 5.64 18.57 5.39
CA CYS A 60 6.15 19.75 4.69
C CYS A 60 6.96 19.33 3.47
N ALA A 61 6.85 20.08 2.38
CA ALA A 61 7.79 19.94 1.29
C ALA A 61 9.05 20.75 1.59
N ALA A 62 10.20 20.28 1.10
CA ALA A 62 11.46 20.98 1.33
C ALA A 62 12.44 20.66 0.21
N PHE A 63 13.49 21.48 0.13
CA PHE A 63 14.62 21.21 -0.75
C PHE A 63 15.77 20.67 0.08
N ASP A 64 16.27 19.48 -0.28
CA ASP A 64 17.41 18.87 0.40
C ASP A 64 18.70 19.31 -0.29
N THR A 65 19.44 20.22 0.35
CA THR A 65 20.66 20.75 -0.26
C THR A 65 21.78 19.71 -0.34
N LYS A 66 21.71 18.62 0.42
CA LYS A 66 22.76 17.61 0.34
C LYS A 66 22.63 16.77 -0.94
N THR A 67 21.40 16.42 -1.32
CA THR A 67 21.18 15.52 -2.47
C THR A 67 20.60 16.19 -3.69
N GLY A 68 20.07 17.41 -3.58
CA GLY A 68 19.40 18.05 -4.69
C GLY A 68 17.98 17.58 -4.94
N HIS A 69 17.42 16.71 -4.11
CA HIS A 69 16.05 16.25 -4.29
C HIS A 69 15.06 17.17 -3.58
N ARG A 70 13.87 17.28 -4.17
CA ARG A 70 12.71 17.79 -3.45
C ARG A 70 12.15 16.64 -2.62
N VAL A 71 11.86 16.91 -1.35
CA VAL A 71 11.56 15.86 -0.38
C VAL A 71 10.30 16.21 0.39
N ALA A 72 9.68 15.17 0.97
CA ALA A 72 8.62 15.33 1.96
C ALA A 72 9.19 15.01 3.34
N VAL A 73 9.00 15.93 4.28
CA VAL A 73 9.42 15.75 5.67
C VAL A 73 8.16 15.60 6.52
N LYS A 74 8.02 14.45 7.19
CA LYS A 74 6.86 14.16 8.03
C LYS A 74 7.26 14.18 9.50
N LYS A 75 6.61 15.03 10.28
CA LYS A 75 6.79 15.05 11.72
C LYS A 75 5.68 14.21 12.35
N LEU A 76 6.04 13.10 12.98
CA LEU A 76 5.02 12.26 13.60
C LEU A 76 4.33 13.00 14.74
N SER A 77 3.03 12.80 14.87
CA SER A 77 2.26 13.42 15.95
C SER A 77 2.09 12.41 17.08
N ARG A 78 2.52 12.80 18.28
CA ARG A 78 2.38 11.99 19.49
C ARG A 78 2.84 10.54 19.26
N PRO A 79 4.10 10.33 18.87
CA PRO A 79 4.52 8.97 18.47
C PRO A 79 4.56 7.96 19.62
N PHE A 80 4.64 8.40 20.88
CA PHE A 80 4.80 7.49 22.01
C PHE A 80 3.73 7.72 23.08
N GLN A 81 2.52 8.10 22.67
CA GLN A 81 1.47 8.44 23.62
C GLN A 81 0.83 7.22 24.27
N SER A 82 0.90 6.05 23.63
CA SER A 82 0.34 4.82 24.16
C SER A 82 1.19 3.65 23.68
N ILE A 83 1.01 2.49 24.31
CA ILE A 83 1.70 1.29 23.84
C ILE A 83 1.36 1.03 22.39
N ILE A 84 0.09 1.15 22.02
CA ILE A 84 -0.33 0.91 20.64
C ILE A 84 0.34 1.89 19.69
N HIS A 85 0.43 3.16 20.09
CA HIS A 85 1.02 4.18 19.23
C HIS A 85 2.54 4.03 19.14
N ALA A 86 3.20 3.69 20.26
CA ALA A 86 4.64 3.49 20.24
C ALA A 86 5.02 2.30 19.37
N LYS A 87 4.25 1.22 19.44
CA LYS A 87 4.53 0.06 18.61
C LYS A 87 4.31 0.37 17.13
N ARG A 88 3.28 1.18 16.83
CA ARG A 88 3.03 1.58 15.44
C ARG A 88 4.16 2.46 14.91
N THR A 89 4.71 3.34 15.75
CA THR A 89 5.86 4.15 15.32
C THR A 89 7.05 3.27 14.97
N TYR A 90 7.36 2.31 15.85
CA TYR A 90 8.44 1.34 15.59
C TYR A 90 8.19 0.54 14.32
N ARG A 91 6.94 0.08 14.15
CA ARG A 91 6.57 -0.69 12.96
C ARG A 91 6.82 0.09 11.68
N GLU A 92 6.36 1.35 11.64
CA GLU A 92 6.53 2.16 10.44
C GLU A 92 8.01 2.38 10.14
N LEU A 93 8.82 2.67 11.15
CA LEU A 93 10.23 2.93 10.92
C LEU A 93 10.96 1.67 10.44
N ARG A 94 10.67 0.51 11.05
CA ARG A 94 11.27 -0.75 10.59
C ARG A 94 10.93 -1.04 9.12
N LEU A 95 9.66 -0.86 8.74
CA LEU A 95 9.24 -1.15 7.37
C LEU A 95 9.91 -0.22 6.37
N LEU A 96 9.88 1.10 6.65
CA LEU A 96 10.48 2.05 5.72
C LEU A 96 12.00 1.85 5.60
N LYS A 97 12.67 1.51 6.71
CA LYS A 97 14.11 1.26 6.62
C LYS A 97 14.45 0.02 5.78
N HIS A 98 13.52 -0.94 5.66
CA HIS A 98 13.82 -2.17 4.91
C HIS A 98 13.62 -2.01 3.40
N MET A 99 12.70 -1.15 2.95
CA MET A 99 12.25 -1.14 1.56
C MET A 99 13.26 -0.48 0.65
N LYS A 100 13.89 -1.27 -0.23
CA LYS A 100 14.91 -0.79 -1.18
C LYS A 100 14.64 -1.37 -2.57
N HIS A 101 13.72 -0.72 -3.29
CA HIS A 101 13.24 -1.19 -4.59
C HIS A 101 12.71 0.00 -5.41
N GLU A 102 12.95 -0.06 -6.73
CA GLU A 102 12.59 1.03 -7.65
C GLU A 102 11.10 1.35 -7.63
N ASN A 103 10.25 0.35 -7.35
CA ASN A 103 8.81 0.54 -7.40
C ASN A 103 8.17 0.61 -6.02
N VAL A 104 8.94 0.90 -4.96
CA VAL A 104 8.44 1.03 -3.60
C VAL A 104 9.05 2.28 -2.96
N ILE A 105 8.24 3.02 -2.20
CA ILE A 105 8.77 4.18 -1.48
C ILE A 105 9.89 3.74 -0.53
N GLY A 106 10.99 4.50 -0.53
CA GLY A 106 12.10 4.24 0.36
C GLY A 106 12.36 5.40 1.31
N LEU A 107 13.24 5.18 2.29
CA LEU A 107 13.54 6.19 3.30
C LEU A 107 14.85 6.91 2.95
N LEU A 108 14.76 8.23 2.73
CA LEU A 108 15.95 9.03 2.45
C LEU A 108 16.70 9.43 3.72
N ASP A 109 15.97 9.67 4.83
CA ASP A 109 16.57 10.12 6.09
C ASP A 109 15.54 9.93 7.20
N VAL A 110 16.04 9.82 8.44
CA VAL A 110 15.22 9.87 9.65
C VAL A 110 16.04 10.58 10.71
N PHE A 111 15.42 11.50 11.45
CA PHE A 111 16.20 12.26 12.43
C PHE A 111 15.35 12.64 13.63
N THR A 112 16.04 13.01 14.71
CA THR A 112 15.45 13.60 15.90
C THR A 112 16.40 14.69 16.39
N PRO A 113 15.86 15.80 16.90
CA PRO A 113 16.75 16.80 17.51
C PRO A 113 17.24 16.42 18.89
N ALA A 114 16.73 15.34 19.48
CA ALA A 114 17.19 14.91 20.80
C ALA A 114 18.66 14.51 20.77
N ARG A 115 19.37 14.84 21.85
CA ARG A 115 20.78 14.47 21.99
C ARG A 115 20.97 13.20 22.82
N SER A 116 19.90 12.65 23.39
CA SER A 116 20.00 11.45 24.21
C SER A 116 18.62 10.80 24.28
N LEU A 117 18.60 9.52 24.69
CA LEU A 117 17.34 8.83 24.88
C LEU A 117 16.45 9.54 25.90
N GLU A 118 17.07 10.18 26.91
CA GLU A 118 16.29 10.80 27.97
C GLU A 118 15.45 11.97 27.48
N GLU A 119 15.91 12.70 26.47
CA GLU A 119 15.15 13.82 25.92
C GLU A 119 14.47 13.50 24.59
N PHE A 120 14.44 12.22 24.20
CA PHE A 120 13.86 11.78 22.93
C PHE A 120 12.33 11.86 22.97
N ASN A 121 11.76 12.66 22.06
CA ASN A 121 10.31 12.81 21.96
C ASN A 121 9.78 12.87 20.53
N ASP A 122 10.54 13.39 19.57
CA ASP A 122 10.02 13.66 18.24
C ASP A 122 10.79 12.86 17.20
N VAL A 123 10.07 12.40 16.17
CA VAL A 123 10.62 11.61 15.07
C VAL A 123 10.20 12.26 13.75
N TYR A 124 11.17 12.49 12.86
CA TYR A 124 10.91 13.05 11.53
C TYR A 124 11.37 12.05 10.46
N LEU A 125 10.52 11.83 9.45
CA LEU A 125 10.81 10.91 8.35
C LEU A 125 10.90 11.67 7.03
N VAL A 126 11.88 11.34 6.19
CA VAL A 126 12.14 12.06 4.94
C VAL A 126 12.08 11.08 3.77
N THR A 127 11.25 11.39 2.76
CA THR A 127 11.13 10.61 1.54
C THR A 127 11.16 11.52 0.31
N HIS A 128 11.31 10.92 -0.87
CA HIS A 128 11.17 11.67 -2.12
C HIS A 128 9.79 12.29 -2.23
N LEU A 129 9.75 13.55 -2.65
CA LEU A 129 8.47 14.24 -2.79
C LEU A 129 7.72 13.68 -3.99
N MET A 130 6.48 13.27 -3.76
CA MET A 130 5.67 12.67 -4.81
C MET A 130 4.60 13.66 -5.25
N GLY A 131 4.40 13.75 -6.56
CA GLY A 131 3.43 14.68 -7.10
C GLY A 131 2.08 14.03 -7.31
N ALA A 132 1.90 13.43 -8.48
CA ALA A 132 0.61 12.89 -8.85
C ALA A 132 0.49 11.44 -8.38
N ASP A 133 -0.75 11.01 -8.17
CA ASP A 133 -1.06 9.61 -7.92
C ASP A 133 -1.91 9.09 -9.07
N LEU A 134 -2.20 7.79 -9.03
CA LEU A 134 -2.95 7.17 -10.13
C LEU A 134 -4.34 7.74 -10.30
N ASN A 135 -4.91 8.38 -9.28
CA ASN A 135 -6.17 9.10 -9.48
C ASN A 135 -6.00 10.22 -10.49
N ASN A 136 -4.95 11.02 -10.34
CA ASN A 136 -4.65 12.16 -11.21
C ASN A 136 -4.20 11.74 -12.61
N ILE A 137 -4.39 10.48 -12.97
CA ILE A 137 -4.11 9.99 -14.31
C ILE A 137 -5.34 9.22 -14.77
N VAL A 138 -5.94 8.46 -13.86
CA VAL A 138 -7.13 7.70 -14.15
C VAL A 138 -8.34 8.63 -14.16
N GLN A 141 -7.14 11.43 -17.97
CA GLN A 141 -6.31 11.20 -19.14
C GLN A 141 -6.94 10.14 -20.06
N LYS A 142 -6.16 9.70 -21.05
CA LYS A 142 -6.57 8.67 -21.99
C LYS A 142 -5.50 7.59 -22.01
N LEU A 143 -5.81 6.44 -21.43
CA LEU A 143 -4.83 5.37 -21.21
C LEU A 143 -4.91 4.35 -22.35
N THR A 144 -3.83 4.23 -23.11
CA THR A 144 -3.73 3.15 -24.07
C THR A 144 -3.52 1.82 -23.32
N ASP A 145 -3.73 0.72 -24.05
CA ASP A 145 -3.40 -0.59 -23.50
C ASP A 145 -1.93 -0.70 -23.14
N ASP A 146 -1.05 -0.03 -23.92
N ASP A 146 -1.05 -0.03 -23.91
CA ASP A 146 0.36 -0.03 -23.58
CA ASP A 146 0.36 -0.05 -23.56
C ASP A 146 0.62 0.66 -22.25
C ASP A 146 0.62 0.66 -22.24
N HIS A 147 -0.15 1.71 -21.94
CA HIS A 147 -0.01 2.37 -20.64
C HIS A 147 -0.45 1.44 -19.51
N VAL A 148 -1.56 0.72 -19.70
CA VAL A 148 -2.02 -0.21 -18.67
C VAL A 148 -0.99 -1.32 -18.46
N GLN A 149 -0.44 -1.88 -19.54
CA GLN A 149 0.62 -2.87 -19.39
C GLN A 149 1.74 -2.36 -18.49
N PHE A 150 2.22 -1.14 -18.75
CA PHE A 150 3.41 -0.66 -18.04
C PHE A 150 3.10 -0.36 -16.57
N LEU A 151 1.95 0.25 -16.30
CA LEU A 151 1.58 0.59 -14.93
C LEU A 151 1.36 -0.67 -14.09
N ILE A 152 0.60 -1.64 -14.60
CA ILE A 152 0.34 -2.83 -13.81
C ILE A 152 1.62 -3.67 -13.65
N TYR A 153 2.47 -3.70 -14.69
CA TYR A 153 3.76 -4.40 -14.58
C TYR A 153 4.56 -3.88 -13.39
N GLN A 154 4.61 -2.55 -13.23
CA GLN A 154 5.40 -1.97 -12.16
C GLN A 154 4.81 -2.27 -10.79
N ILE A 155 3.48 -2.25 -10.65
CA ILE A 155 2.85 -2.63 -9.39
C ILE A 155 3.24 -4.06 -9.01
N LEU A 156 3.12 -4.99 -9.98
CA LEU A 156 3.43 -6.40 -9.71
C LEU A 156 4.92 -6.60 -9.40
N ARG A 157 5.80 -5.84 -10.07
CA ARG A 157 7.24 -5.92 -9.79
C ARG A 157 7.52 -5.49 -8.35
N GLY A 158 6.92 -4.38 -7.91
CA GLY A 158 7.04 -3.99 -6.51
C GLY A 158 6.44 -5.01 -5.56
N LEU A 159 5.30 -5.61 -5.93
CA LEU A 159 4.63 -6.56 -5.04
C LEU A 159 5.41 -7.88 -4.91
N LYS A 160 6.03 -8.35 -6.00
CA LYS A 160 6.91 -9.51 -5.89
C LYS A 160 7.97 -9.27 -4.83
N TYR A 161 8.58 -8.07 -4.83
CA TYR A 161 9.58 -7.71 -3.83
C TYR A 161 8.98 -7.69 -2.42
N ILE A 162 7.85 -6.97 -2.23
CA ILE A 162 7.24 -6.86 -0.91
C ILE A 162 6.86 -8.24 -0.36
N HIS A 163 6.19 -9.05 -1.19
CA HIS A 163 5.72 -10.36 -0.74
C HIS A 163 6.88 -11.32 -0.44
N SER A 164 8.03 -11.17 -1.12
CA SER A 164 9.17 -12.05 -0.84
C SER A 164 9.72 -11.86 0.57
N ALA A 165 9.41 -10.74 1.22
CA ALA A 165 9.79 -10.50 2.61
C ALA A 165 8.67 -10.86 3.58
N ASP A 166 7.62 -11.54 3.11
CA ASP A 166 6.42 -11.85 3.90
C ASP A 166 5.78 -10.59 4.49
N ILE A 167 5.76 -9.50 3.70
CA ILE A 167 5.03 -8.28 4.04
C ILE A 167 3.77 -8.24 3.19
N ILE A 168 2.65 -7.86 3.81
CA ILE A 168 1.37 -7.67 3.12
C ILE A 168 1.07 -6.18 3.14
N HIS A 169 0.78 -5.59 1.97
CA HIS A 169 0.52 -4.15 1.96
C HIS A 169 -0.84 -3.84 2.61
N ARG A 170 -1.90 -4.50 2.16
CA ARG A 170 -3.26 -4.52 2.71
C ARG A 170 -4.11 -3.29 2.33
N ASP A 171 -3.54 -2.25 1.72
CA ASP A 171 -4.30 -1.02 1.44
C ASP A 171 -3.95 -0.48 0.05
N LEU A 172 -3.81 -1.36 -0.94
CA LEU A 172 -3.50 -0.90 -2.29
C LEU A 172 -4.75 -0.33 -2.92
N LYS A 173 -4.62 0.88 -3.48
CA LYS A 173 -5.68 1.63 -4.13
C LYS A 173 -5.03 2.79 -4.89
N PRO A 174 -5.73 3.41 -5.84
CA PRO A 174 -5.07 4.41 -6.71
C PRO A 174 -4.38 5.56 -5.96
N SER A 175 -4.97 6.04 -4.85
CA SER A 175 -4.34 7.12 -4.07
C SER A 175 -3.05 6.71 -3.37
N ASN A 176 -2.73 5.42 -3.30
CA ASN A 176 -1.47 4.95 -2.72
C ASN A 176 -0.46 4.52 -3.78
N LEU A 177 -0.61 5.02 -5.01
CA LEU A 177 0.31 4.71 -6.11
C LEU A 177 0.73 6.03 -6.76
N ALA A 178 2.02 6.38 -6.60
CA ALA A 178 2.56 7.61 -7.16
C ALA A 178 3.09 7.36 -8.56
N VAL A 179 2.90 8.35 -9.45
CA VAL A 179 3.31 8.25 -10.85
C VAL A 179 3.95 9.57 -11.26
N ASN A 180 5.01 9.51 -12.06
CA ASN A 180 5.68 10.73 -12.52
C ASN A 180 5.39 10.97 -14.01
N GLU A 181 6.06 11.96 -14.58
CA GLU A 181 5.80 12.37 -15.96
C GLU A 181 6.07 11.24 -16.95
N ASP A 182 7.00 10.34 -16.63
CA ASP A 182 7.38 9.25 -17.53
C ASP A 182 6.66 7.95 -17.22
N CYS A 183 5.50 7.99 -16.56
N CYS A 183 5.52 8.02 -16.52
CA CYS A 183 4.69 6.81 -16.25
CA CYS A 183 4.68 6.85 -16.19
C CYS A 183 5.39 5.85 -15.29
C CYS A 183 5.41 5.85 -15.32
N GLU A 184 6.39 6.32 -14.55
CA GLU A 184 7.08 5.49 -13.57
C GLU A 184 6.33 5.54 -12.25
N LEU A 185 6.25 4.39 -11.57
CA LEU A 185 5.29 4.19 -10.48
C LEU A 185 6.00 3.72 -9.20
N LYS A 186 5.51 4.20 -8.05
CA LYS A 186 5.96 3.73 -6.73
C LYS A 186 4.77 3.41 -5.83
N ILE A 187 4.86 2.30 -5.09
CA ILE A 187 3.87 1.93 -4.08
C ILE A 187 4.19 2.67 -2.78
N LEU A 188 3.18 3.28 -2.14
CA LEU A 188 3.41 3.90 -0.85
C LEU A 188 2.31 3.58 0.16
N ASP A 189 2.43 4.17 1.35
CA ASP A 189 1.37 4.16 2.37
C ASP A 189 0.94 2.74 2.73
N PHE A 190 1.92 1.97 3.20
CA PHE A 190 1.66 0.61 3.65
C PHE A 190 0.60 0.60 4.76
N GLY A 191 -0.20 -0.46 4.78
CA GLY A 191 -1.17 -0.63 5.86
C GLY A 191 -0.51 -0.95 7.19
N LEU A 192 -0.57 -0.02 8.13
CA LEU A 192 0.13 -0.18 9.41
C LEU A 192 -0.82 -0.44 10.57
N HIS A 195 -6.90 1.24 9.79
CA HIS A 195 -8.18 1.81 9.39
C HIS A 195 -9.27 1.44 10.39
N THR A 196 -10.15 2.40 10.68
CA THR A 196 -11.19 2.23 11.69
C THR A 196 -12.52 1.86 11.04
N ASP A 197 -13.50 1.55 11.90
CA ASP A 197 -14.81 1.11 11.42
C ASP A 197 -15.51 2.22 10.63
N ASP A 198 -15.43 3.46 11.12
CA ASP A 198 -16.09 4.56 10.43
C ASP A 198 -15.45 4.81 9.06
N GLU A 199 -14.13 4.62 8.95
CA GLU A 199 -13.43 4.88 7.70
C GLU A 199 -13.88 3.92 6.59
N MET A 200 -14.36 2.73 6.94
CA MET A 200 -14.77 1.71 5.98
C MET A 200 -16.28 1.65 5.75
N THR A 201 -17.04 2.62 6.26
CA THR A 201 -18.49 2.57 6.22
C THR A 201 -19.02 3.36 5.04
N GLY A 202 -19.94 2.75 4.28
CA GLY A 202 -20.70 3.48 3.28
C GLY A 202 -20.09 3.52 1.89
N TYR A 203 -20.35 4.62 1.16
CA TYR A 203 -19.91 4.75 -0.24
C TYR A 203 -18.52 5.40 -0.23
N VAL A 204 -17.50 4.57 0.02
CA VAL A 204 -16.15 5.07 0.27
C VAL A 204 -15.09 4.26 -0.48
N ALA A 205 -14.15 4.98 -1.12
CA ALA A 205 -13.06 4.34 -1.87
C ALA A 205 -12.13 3.55 -0.97
N THR A 206 -12.14 3.82 0.33
CA THR A 206 -11.33 3.07 1.29
C THR A 206 -11.69 1.59 1.37
N ARG A 207 -12.86 1.17 0.86
CA ARG A 207 -13.28 -0.23 0.89
C ARG A 207 -13.41 -0.87 -0.49
N TRP A 208 -13.47 -0.08 -1.57
CA TRP A 208 -13.81 -0.61 -2.89
C TRP A 208 -12.74 -1.55 -3.46
N TYR A 209 -11.50 -1.48 -2.97
CA TYR A 209 -10.40 -2.28 -3.48
C TYR A 209 -10.04 -3.46 -2.58
N ARG A 210 -10.79 -3.68 -1.50
CA ARG A 210 -10.48 -4.72 -0.50
C ARG A 210 -11.02 -6.08 -0.92
N ALA A 211 -10.22 -7.13 -0.69
CA ALA A 211 -10.66 -8.49 -0.97
C ALA A 211 -11.84 -8.85 -0.06
N PRO A 212 -12.78 -9.66 -0.54
CA PRO A 212 -13.99 -9.92 0.27
C PRO A 212 -13.68 -10.66 1.57
N GLU A 213 -12.64 -11.51 1.61
CA GLU A 213 -12.35 -12.25 2.84
C GLU A 213 -11.84 -11.34 3.95
N ILE A 214 -11.24 -10.19 3.61
CA ILE A 214 -10.87 -9.27 4.68
C ILE A 214 -11.96 -8.22 4.93
N MET A 215 -12.71 -7.82 3.90
CA MET A 215 -13.84 -6.90 4.10
C MET A 215 -14.83 -7.46 5.12
N LEU A 216 -15.08 -8.77 5.09
CA LEU A 216 -16.08 -9.41 5.92
C LEU A 216 -15.49 -10.34 6.98
N ASN A 217 -14.16 -10.33 7.15
CA ASN A 217 -13.49 -11.16 8.17
C ASN A 217 -13.89 -12.63 8.06
N TRP A 218 -13.81 -13.18 6.84
CA TRP A 218 -14.18 -14.57 6.61
C TRP A 218 -13.19 -15.56 7.23
N MET A 219 -11.91 -15.19 7.27
CA MET A 219 -10.85 -16.14 7.57
C MET A 219 -9.58 -15.34 7.81
N HIS A 220 -8.55 -16.04 8.28
CA HIS A 220 -7.22 -15.46 8.29
C HIS A 220 -6.78 -15.18 6.87
N TYR A 221 -6.38 -13.95 6.59
CA TYR A 221 -5.98 -13.56 5.25
C TYR A 221 -4.46 -13.64 5.12
N ASN A 222 -3.99 -13.58 3.87
CA ASN A 222 -2.57 -13.60 3.56
C ASN A 222 -2.32 -12.68 2.37
N GLN A 223 -1.13 -12.81 1.78
CA GLN A 223 -0.67 -11.83 0.79
C GLN A 223 -1.53 -11.82 -0.47
N THR A 224 -2.34 -12.85 -0.70
CA THR A 224 -3.24 -12.89 -1.85
C THR A 224 -4.24 -11.74 -1.85
N VAL A 225 -4.48 -11.11 -0.69
CA VAL A 225 -5.41 -9.98 -0.66
C VAL A 225 -4.91 -8.85 -1.57
N ASP A 226 -3.59 -8.68 -1.68
CA ASP A 226 -3.07 -7.59 -2.51
C ASP A 226 -3.33 -7.83 -3.99
N ILE A 227 -3.37 -9.10 -4.43
CA ILE A 227 -3.61 -9.39 -5.85
C ILE A 227 -5.06 -9.06 -6.21
N TRP A 228 -6.01 -9.30 -5.31
CA TRP A 228 -7.38 -8.83 -5.54
C TRP A 228 -7.41 -7.34 -5.82
N SER A 229 -6.70 -6.57 -4.99
CA SER A 229 -6.66 -5.11 -5.16
C SER A 229 -6.08 -4.73 -6.53
N VAL A 230 -5.01 -5.43 -6.98
CA VAL A 230 -4.44 -5.14 -8.30
C VAL A 230 -5.47 -5.39 -9.40
N GLY A 231 -6.27 -6.45 -9.29
CA GLY A 231 -7.32 -6.69 -10.28
C GLY A 231 -8.33 -5.55 -10.33
N CYS A 232 -8.75 -5.07 -9.17
CA CYS A 232 -9.69 -3.94 -9.12
C CYS A 232 -9.08 -2.70 -9.79
N ILE A 233 -7.79 -2.45 -9.53
CA ILE A 233 -7.11 -1.28 -10.10
C ILE A 233 -6.98 -1.43 -11.61
N MET A 234 -6.55 -2.60 -12.07
CA MET A 234 -6.39 -2.83 -13.52
C MET A 234 -7.71 -2.66 -14.26
N ALA A 235 -8.80 -3.20 -13.71
CA ALA A 235 -10.11 -3.04 -14.35
C ALA A 235 -10.47 -1.56 -14.50
N GLU A 236 -10.21 -0.78 -13.45
CA GLU A 236 -10.52 0.65 -13.48
C GLU A 236 -9.67 1.40 -14.51
N LEU A 237 -8.40 1.03 -14.69
CA LEU A 237 -7.57 1.66 -15.72
C LEU A 237 -8.12 1.35 -17.13
N LEU A 238 -8.60 0.13 -17.34
CA LEU A 238 -9.10 -0.27 -18.66
C LEU A 238 -10.44 0.40 -19.00
N THR A 239 -11.30 0.65 -18.01
CA THR A 239 -12.67 1.13 -18.26
C THR A 239 -12.90 2.58 -17.87
N GLY A 240 -12.04 3.15 -17.03
CA GLY A 240 -12.29 4.46 -16.46
C GLY A 240 -13.31 4.51 -15.34
N ARG A 241 -13.75 3.36 -14.82
CA ARG A 241 -14.81 3.28 -13.83
C ARG A 241 -14.39 2.35 -12.70
N THR A 242 -14.83 2.69 -11.49
CA THR A 242 -14.66 1.80 -10.35
C THR A 242 -15.30 0.44 -10.62
N LEU A 243 -14.60 -0.65 -10.29
CA LEU A 243 -15.13 -1.99 -10.56
C LEU A 243 -16.27 -2.35 -9.61
N PHE A 244 -16.06 -2.17 -8.30
CA PHE A 244 -17.06 -2.56 -7.29
C PHE A 244 -17.38 -1.38 -6.35
N PRO A 245 -18.09 -0.35 -6.85
CA PRO A 245 -18.37 0.85 -6.01
C PRO A 245 -19.58 0.66 -5.11
N GLY A 246 -19.42 -0.21 -4.11
CA GLY A 246 -20.54 -0.53 -3.24
C GLY A 246 -20.92 0.60 -2.32
N THR A 247 -22.24 0.70 -2.03
CA THR A 247 -22.74 1.72 -1.10
C THR A 247 -22.60 1.31 0.37
N ASP A 248 -22.27 0.04 0.64
CA ASP A 248 -21.97 -0.50 1.96
C ASP A 248 -21.37 -1.89 1.75
N HIS A 249 -20.97 -2.54 2.84
CA HIS A 249 -20.32 -3.86 2.75
C HIS A 249 -21.16 -4.87 1.98
N ILE A 250 -22.47 -4.89 2.22
CA ILE A 250 -23.36 -5.91 1.64
C ILE A 250 -23.63 -5.62 0.17
N ASP A 251 -23.91 -4.36 -0.18
CA ASP A 251 -24.03 -3.99 -1.58
C ASP A 251 -22.77 -4.36 -2.35
N GLN A 252 -21.59 -4.08 -1.77
CA GLN A 252 -20.34 -4.40 -2.45
C GLN A 252 -20.19 -5.90 -2.64
N LEU A 253 -20.51 -6.71 -1.62
CA LEU A 253 -20.44 -8.16 -1.79
C LEU A 253 -21.33 -8.63 -2.94
N LYS A 254 -22.54 -8.05 -3.06
CA LYS A 254 -23.45 -8.45 -4.13
C LYS A 254 -22.89 -8.11 -5.52
N LEU A 255 -22.25 -6.94 -5.66
CA LEU A 255 -21.57 -6.61 -6.92
C LEU A 255 -20.45 -7.61 -7.23
N ILE A 256 -19.69 -8.00 -6.21
CA ILE A 256 -18.58 -8.95 -6.40
C ILE A 256 -19.11 -10.31 -6.84
N LEU A 257 -20.11 -10.84 -6.12
CA LEU A 257 -20.60 -12.19 -6.44
C LEU A 257 -21.32 -12.23 -7.78
N ARG A 258 -21.92 -11.13 -8.22
CA ARG A 258 -22.54 -11.12 -9.54
C ARG A 258 -21.49 -11.30 -10.63
N LEU A 259 -20.29 -10.72 -10.46
CA LEU A 259 -19.22 -10.88 -11.45
C LEU A 259 -18.55 -12.26 -11.37
N VAL A 260 -18.08 -12.68 -10.18
CA VAL A 260 -17.23 -13.86 -10.08
C VAL A 260 -17.99 -15.14 -9.72
N GLY A 261 -19.28 -15.06 -9.41
CA GLY A 261 -20.08 -16.20 -9.00
C GLY A 261 -20.13 -16.38 -7.48
N THR A 262 -21.20 -17.04 -7.03
CA THR A 262 -21.31 -17.39 -5.62
C THR A 262 -20.34 -18.55 -5.29
N PRO A 263 -19.93 -18.68 -4.03
CA PRO A 263 -18.94 -19.69 -3.70
C PRO A 263 -19.50 -21.10 -3.75
N GLY A 264 -18.61 -22.05 -4.10
CA GLY A 264 -18.92 -23.46 -3.99
C GLY A 264 -18.57 -24.02 -2.62
N ALA A 265 -18.93 -25.29 -2.40
CA ALA A 265 -18.77 -25.91 -1.09
C ALA A 265 -17.31 -25.89 -0.64
N GLU A 266 -16.38 -25.96 -1.59
CA GLU A 266 -14.96 -25.97 -1.26
C GLU A 266 -14.55 -24.69 -0.55
N LEU A 267 -14.91 -23.53 -1.10
CA LEU A 267 -14.60 -22.28 -0.41
C LEU A 267 -15.41 -22.13 0.87
N LEU A 268 -16.68 -22.55 0.85
CA LEU A 268 -17.52 -22.38 2.05
C LEU A 268 -16.91 -23.06 3.26
N LYS A 269 -16.26 -24.21 3.06
CA LYS A 269 -15.59 -24.90 4.16
C LYS A 269 -14.48 -24.07 4.80
N LYS A 270 -13.90 -23.12 4.07
CA LYS A 270 -12.76 -22.34 4.54
C LYS A 270 -13.17 -21.07 5.27
N ILE A 271 -14.46 -20.73 5.26
CA ILE A 271 -14.95 -19.56 5.99
C ILE A 271 -15.22 -19.97 7.43
N SER A 272 -14.47 -19.37 8.36
CA SER A 272 -14.45 -19.86 9.73
C SER A 272 -15.63 -19.37 10.55
N SER A 273 -16.21 -18.24 10.20
CA SER A 273 -17.40 -17.75 10.91
C SER A 273 -18.60 -18.54 10.45
N GLU A 274 -19.24 -19.26 11.39
CA GLU A 274 -20.49 -19.93 11.06
C GLU A 274 -21.56 -18.95 10.63
N SER A 275 -21.53 -17.73 11.18
CA SER A 275 -22.52 -16.73 10.81
C SER A 275 -22.30 -16.22 9.39
N ALA A 276 -21.04 -15.97 9.01
CA ALA A 276 -20.77 -15.54 7.65
C ALA A 276 -21.10 -16.65 6.65
N ARG A 277 -20.79 -17.91 6.99
CA ARG A 277 -21.20 -19.03 6.15
C ARG A 277 -22.71 -19.05 5.97
N ASN A 278 -23.45 -18.94 7.09
CA ASN A 278 -24.90 -18.92 7.03
C ASN A 278 -25.41 -17.81 6.11
N TYR A 279 -24.82 -16.61 6.20
CA TYR A 279 -25.31 -15.52 5.38
C TYR A 279 -25.09 -15.81 3.90
N ILE A 280 -23.90 -16.28 3.54
CA ILE A 280 -23.60 -16.56 2.12
C ILE A 280 -24.61 -17.56 1.56
N GLN A 281 -24.93 -18.60 2.33
CA GLN A 281 -25.86 -19.60 1.80
C GLN A 281 -27.30 -19.09 1.70
N SER A 282 -27.62 -17.95 2.30
CA SER A 282 -28.95 -17.39 2.09
C SER A 282 -29.11 -16.75 0.72
N LEU A 283 -28.02 -16.52 -0.01
CA LEU A 283 -28.08 -15.86 -1.30
C LEU A 283 -28.31 -16.88 -2.42
N ALA A 284 -29.13 -16.48 -3.40
CA ALA A 284 -29.35 -17.34 -4.56
C ALA A 284 -28.05 -17.52 -5.34
N GLN A 285 -27.83 -18.73 -5.83
CA GLN A 285 -26.58 -19.03 -6.53
C GLN A 285 -26.54 -18.34 -7.89
N MET A 286 -25.33 -17.93 -8.29
CA MET A 286 -25.07 -17.21 -9.55
C MET A 286 -23.79 -17.76 -10.18
N PRO A 287 -23.76 -17.90 -11.51
CA PRO A 287 -22.53 -18.30 -12.20
C PRO A 287 -21.58 -17.11 -12.41
N LYS A 288 -20.29 -17.43 -12.58
CA LYS A 288 -19.30 -16.45 -13.02
C LYS A 288 -19.69 -15.90 -14.38
N MET A 289 -19.61 -14.59 -14.56
CA MET A 289 -19.94 -13.94 -15.82
C MET A 289 -18.82 -14.11 -16.85
N ASN A 290 -19.16 -13.82 -18.11
CA ASN A 290 -18.16 -13.86 -19.19
C ASN A 290 -17.40 -12.53 -19.18
N PHE A 291 -16.11 -12.57 -18.83
CA PHE A 291 -15.36 -11.29 -18.68
C PHE A 291 -15.16 -10.58 -20.01
N ALA A 292 -15.15 -11.31 -21.14
CA ALA A 292 -15.07 -10.63 -22.44
C ALA A 292 -16.30 -9.79 -22.72
N ASN A 293 -17.44 -10.13 -22.13
CA ASN A 293 -18.65 -9.33 -22.30
C ASN A 293 -18.81 -8.26 -21.23
N VAL A 294 -17.94 -8.25 -20.22
CA VAL A 294 -17.90 -7.17 -19.23
C VAL A 294 -16.88 -6.11 -19.64
N PHE A 295 -15.68 -6.55 -20.01
CA PHE A 295 -14.58 -5.66 -20.41
C PHE A 295 -14.51 -5.60 -21.94
N ILE A 296 -15.58 -5.03 -22.50
CA ILE A 296 -15.82 -5.06 -23.94
C ILE A 296 -14.70 -4.38 -24.69
N GLY A 297 -14.11 -5.09 -25.64
CA GLY A 297 -13.07 -4.56 -26.50
C GLY A 297 -11.67 -4.58 -25.92
N ALA A 298 -11.48 -5.03 -24.68
CA ALA A 298 -10.15 -5.05 -24.10
C ALA A 298 -9.30 -6.14 -24.74
N ASN A 299 -7.98 -5.94 -24.69
CA ASN A 299 -6.99 -6.94 -25.08
C ASN A 299 -7.36 -8.31 -24.48
N PRO A 300 -7.53 -9.36 -25.30
CA PRO A 300 -7.86 -10.68 -24.73
C PRO A 300 -6.88 -11.16 -23.68
N LEU A 301 -5.61 -10.74 -23.76
CA LEU A 301 -4.64 -11.15 -22.73
C LEU A 301 -4.88 -10.40 -21.43
N ALA A 302 -5.36 -9.16 -21.50
CA ALA A 302 -5.79 -8.44 -20.29
C ALA A 302 -6.99 -9.11 -19.64
N VAL A 303 -7.98 -9.52 -20.45
CA VAL A 303 -9.14 -10.24 -19.93
C VAL A 303 -8.70 -11.52 -19.22
N ASP A 304 -7.82 -12.29 -19.84
CA ASP A 304 -7.34 -13.52 -19.23
C ASP A 304 -6.68 -13.26 -17.87
N LEU A 305 -5.83 -12.23 -17.79
CA LEU A 305 -5.16 -11.93 -16.53
C LEU A 305 -6.16 -11.52 -15.44
N LEU A 306 -7.16 -10.69 -15.79
CA LEU A 306 -8.20 -10.32 -14.83
C LEU A 306 -8.94 -11.54 -14.29
N GLU A 307 -9.22 -12.54 -15.14
CA GLU A 307 -9.88 -13.75 -14.68
C GLU A 307 -9.02 -14.52 -13.67
N LYS A 308 -7.69 -14.39 -13.75
CA LYS A 308 -6.78 -15.09 -12.84
C LYS A 308 -6.52 -14.33 -11.54
N MET A 309 -6.70 -13.01 -11.53
N MET A 309 -6.74 -13.01 -11.52
CA MET A 309 -6.58 -12.22 -10.29
CA MET A 309 -6.57 -12.21 -10.31
C MET A 309 -7.88 -12.24 -9.48
C MET A 309 -7.86 -12.08 -9.50
N LEU A 310 -9.02 -12.06 -10.15
CA LEU A 310 -10.30 -11.84 -9.48
C LEU A 310 -11.03 -13.17 -9.25
N VAL A 311 -10.38 -14.02 -8.45
CA VAL A 311 -10.89 -15.34 -8.08
C VAL A 311 -11.32 -15.26 -6.62
N LEU A 312 -12.54 -15.73 -6.33
CA LEU A 312 -13.08 -15.59 -4.98
C LEU A 312 -12.20 -16.31 -3.95
N ASP A 313 -11.83 -17.57 -4.23
CA ASP A 313 -10.99 -18.37 -3.32
C ASP A 313 -9.55 -17.90 -3.40
N SER A 314 -9.05 -17.29 -2.31
CA SER A 314 -7.72 -16.68 -2.33
C SER A 314 -6.61 -17.71 -2.56
N ASP A 315 -6.82 -18.98 -2.20
CA ASP A 315 -5.84 -20.04 -2.48
C ASP A 315 -5.57 -20.19 -3.98
N LYS A 316 -6.51 -19.80 -4.84
CA LYS A 316 -6.42 -20.07 -6.27
C LYS A 316 -6.05 -18.85 -7.10
N ARG A 317 -5.89 -17.68 -6.49
CA ARG A 317 -5.44 -16.49 -7.23
C ARG A 317 -4.01 -16.64 -7.74
N ILE A 318 -3.74 -16.01 -8.89
CA ILE A 318 -2.36 -15.90 -9.37
C ILE A 318 -1.51 -15.10 -8.37
N THR A 319 -0.23 -15.47 -8.22
CA THR A 319 0.68 -14.69 -7.38
C THR A 319 1.39 -13.62 -8.20
N ALA A 320 2.06 -12.68 -7.51
CA ALA A 320 2.79 -11.63 -8.22
C ALA A 320 3.89 -12.21 -9.12
N ALA A 321 4.65 -13.18 -8.61
CA ALA A 321 5.72 -13.78 -9.40
C ALA A 321 5.16 -14.51 -10.62
N GLN A 322 4.04 -15.22 -10.46
CA GLN A 322 3.41 -15.88 -11.62
C GLN A 322 2.88 -14.86 -12.62
N ALA A 323 2.28 -13.75 -12.14
CA ALA A 323 1.68 -12.78 -13.06
C ALA A 323 2.71 -12.05 -13.91
N LEU A 324 3.92 -11.82 -13.38
CA LEU A 324 4.95 -11.16 -14.16
C LEU A 324 5.32 -11.96 -15.41
N ALA A 325 5.17 -13.28 -15.37
CA ALA A 325 5.46 -14.16 -16.51
C ALA A 325 4.27 -14.32 -17.46
N HIS A 326 3.14 -13.68 -17.19
CA HIS A 326 1.97 -13.76 -18.07
C HIS A 326 2.23 -13.03 -19.39
N ALA A 327 1.70 -13.57 -20.48
CA ALA A 327 1.97 -13.01 -21.81
C ALA A 327 1.55 -11.56 -21.95
N TYR A 328 0.62 -11.05 -21.13
CA TYR A 328 0.24 -9.65 -21.22
C TYR A 328 1.44 -8.70 -21.05
N PHE A 329 2.47 -9.11 -20.28
CA PHE A 329 3.62 -8.25 -20.01
C PHE A 329 4.85 -8.61 -20.86
N ALA A 330 4.65 -9.25 -22.01
CA ALA A 330 5.78 -9.76 -22.81
C ALA A 330 6.79 -8.67 -23.13
N GLN A 331 6.34 -7.44 -23.38
CA GLN A 331 7.30 -6.43 -23.81
C GLN A 331 8.10 -5.82 -22.65
N TYR A 332 7.73 -6.10 -21.38
CA TYR A 332 8.44 -5.55 -20.23
C TYR A 332 9.11 -6.59 -19.33
N HIS A 333 8.64 -7.84 -19.34
CA HIS A 333 9.13 -8.85 -18.40
C HIS A 333 10.59 -9.17 -18.65
N ASP A 334 11.38 -9.13 -17.57
CA ASP A 334 12.80 -9.47 -17.61
C ASP A 334 13.10 -10.18 -16.29
N PRO A 335 13.16 -11.52 -16.30
CA PRO A 335 13.34 -12.24 -15.04
C PRO A 335 14.71 -12.03 -14.38
N ASP A 336 15.66 -11.41 -15.06
CA ASP A 336 16.93 -11.01 -14.45
C ASP A 336 16.87 -9.62 -13.83
N ASP A 337 15.74 -8.93 -13.92
CA ASP A 337 15.62 -7.57 -13.38
C ASP A 337 14.31 -7.41 -12.62
N GLU A 338 13.94 -8.42 -11.83
CA GLU A 338 12.75 -8.41 -11.00
C GLU A 338 13.15 -8.93 -9.60
N PRO A 339 13.86 -8.12 -8.83
CA PRO A 339 14.54 -8.64 -7.64
C PRO A 339 13.62 -8.93 -6.47
N VAL A 340 14.11 -9.78 -5.56
CA VAL A 340 13.43 -10.06 -4.30
C VAL A 340 14.09 -9.28 -3.17
N ALA A 341 13.46 -9.29 -2.00
CA ALA A 341 13.93 -8.53 -0.84
C ALA A 341 14.87 -9.37 0.03
N ASP A 342 15.72 -8.66 0.78
CA ASP A 342 16.41 -9.29 1.89
C ASP A 342 15.39 -9.81 2.90
N PRO A 343 15.71 -10.86 3.65
CA PRO A 343 14.78 -11.35 4.67
C PRO A 343 14.45 -10.27 5.71
N TYR A 344 13.22 -10.35 6.24
CA TYR A 344 12.67 -9.33 7.13
C TYR A 344 12.14 -10.00 8.40
N ASP A 345 12.73 -9.66 9.56
CA ASP A 345 12.37 -10.25 10.85
C ASP A 345 11.21 -9.45 11.47
N GLN A 346 10.02 -10.04 11.50
CA GLN A 346 8.83 -9.43 12.07
C GLN A 346 8.50 -9.99 13.45
N SER A 347 9.47 -10.61 14.12
CA SER A 347 9.12 -11.25 15.38
C SER A 347 8.65 -10.25 16.43
N PHE A 348 8.99 -8.96 16.29
CA PHE A 348 8.50 -7.97 17.24
C PHE A 348 6.98 -7.88 17.28
N GLU A 349 6.29 -8.31 16.22
CA GLU A 349 4.85 -8.14 16.15
C GLU A 349 4.12 -8.96 17.21
N SER A 350 4.70 -10.07 17.67
CA SER A 350 4.07 -10.88 18.70
C SER A 350 4.64 -10.60 20.09
N ARG A 351 5.45 -9.54 20.22
CA ARG A 351 6.13 -9.22 21.47
C ARG A 351 5.32 -8.22 22.28
N ASP A 352 5.32 -8.39 23.60
CA ASP A 352 4.63 -7.49 24.51
C ASP A 352 5.66 -6.67 25.28
N LEU A 353 5.64 -5.35 25.07
CA LEU A 353 6.61 -4.46 25.70
C LEU A 353 5.93 -3.22 26.27
N LEU A 354 6.65 -2.54 27.16
CA LEU A 354 6.25 -1.27 27.76
C LEU A 354 6.48 -0.13 26.77
N ILE A 355 5.78 1.00 26.98
CA ILE A 355 5.95 2.18 26.11
C ILE A 355 7.43 2.54 25.99
N ASP A 356 8.10 2.68 27.14
CA ASP A 356 9.49 3.11 27.12
C ASP A 356 10.42 2.09 26.45
N GLU A 357 10.03 0.82 26.39
CA GLU A 357 10.83 -0.19 25.70
C GLU A 357 10.66 -0.07 24.18
N TRP A 358 9.43 0.16 23.73
CA TRP A 358 9.20 0.47 22.31
C TRP A 358 9.93 1.76 21.91
N LYS A 359 9.91 2.76 22.79
CA LYS A 359 10.60 4.02 22.51
C LYS A 359 12.10 3.83 22.38
N SER A 360 12.70 3.01 23.25
CA SER A 360 14.13 2.77 23.17
C SER A 360 14.50 2.01 21.90
N LEU A 361 13.68 1.03 21.50
CA LEU A 361 13.94 0.32 20.24
C LEU A 361 13.87 1.28 19.07
N THR A 362 12.90 2.21 19.09
CA THR A 362 12.80 3.20 18.01
C THR A 362 14.03 4.10 17.98
N TYR A 363 14.49 4.55 19.16
CA TYR A 363 15.68 5.40 19.22
C TYR A 363 16.88 4.71 18.59
N ASP A 364 17.12 3.43 18.92
CA ASP A 364 18.22 2.69 18.31
C ASP A 364 18.12 2.69 16.79
N GLU A 365 16.90 2.54 16.23
CA GLU A 365 16.75 2.49 14.78
C GLU A 365 16.98 3.85 14.14
N VAL A 366 16.63 4.94 14.85
CA VAL A 366 16.92 6.28 14.34
C VAL A 366 18.42 6.51 14.24
N ILE A 367 19.16 6.21 15.32
CA ILE A 367 20.59 6.55 15.33
C ILE A 367 21.44 5.57 14.52
N SER A 368 20.92 4.40 14.15
CA SER A 368 21.68 3.47 13.33
C SER A 368 21.39 3.63 11.84
N PHE A 369 20.53 4.57 11.44
CA PHE A 369 20.17 4.71 10.03
C PHE A 369 21.39 5.05 9.19
N VAL A 370 21.55 4.35 8.07
CA VAL A 370 22.57 4.64 7.07
C VAL A 370 21.87 5.07 5.78
N PRO A 371 22.18 6.25 5.26
CA PRO A 371 21.46 6.75 4.07
C PRO A 371 21.82 5.95 2.83
N PRO A 372 20.97 5.97 1.81
CA PRO A 372 21.31 5.28 0.58
C PRO A 372 22.43 6.01 -0.14
N PRO A 373 23.21 5.30 -0.97
CA PRO A 373 24.30 5.80 -1.82
C PRO A 373 24.05 7.18 -2.42
N1 LO8 B . -17.68 -1.19 -14.44
C4 LO8 B . -18.12 -2.01 -13.26
C5 LO8 B . -21.21 -3.44 -14.98
C6 LO8 B . -21.51 -4.47 -13.83
C7 LO8 B . -20.91 -4.73 -15.82
C8 LO8 B . -17.44 -0.89 -16.81
C10 LO8 B . -16.48 -0.49 -20.08
C13 LO8 B . -14.31 -1.17 -21.73
C15 LO8 B . -16.24 -1.86 -20.42
N LO8 B . -20.01 -2.57 -14.75
C LO8 B . -16.66 -3.00 -15.81
O LO8 B . -21.13 -5.57 -14.69
C1 LO8 B . -17.76 -1.92 -15.73
C11 LO8 B . -15.62 0.51 -20.58
C12 LO8 B . -14.54 0.18 -21.40
C14 LO8 B . -15.15 -2.16 -21.25
C2 LO8 B . -19.17 -2.54 -16.00
C3 LO8 B . -19.21 -3.04 -13.56
C9 LO8 B . -17.62 -0.07 -19.16
N2 LO8 B . -17.92 -1.06 -18.11
O1 LO8 B . -16.76 0.04 -16.51
CL CL C . 22.63 19.78 7.92
CL CL D . 13.01 15.13 20.52
CL CL E . 11.94 6.15 -3.15
CL CL F . 15.14 -7.84 9.50
CL CL G . -8.04 5.72 -3.99
CL CL H . -30.29 -20.59 -5.77
MG MG I . -2.65 7.16 1.17
S SO4 J . -17.26 5.85 -10.99
O1 SO4 J . -16.08 5.90 -10.14
O2 SO4 J . -17.27 4.60 -11.73
O3 SO4 J . -18.49 5.93 -10.21
O4 SO4 J . -17.20 6.97 -11.95
S SO4 K . -6.74 7.14 3.13
O1 SO4 K . -6.07 5.84 3.21
O2 SO4 K . -8.16 6.96 2.92
O3 SO4 K . -6.53 7.85 4.40
O4 SO4 K . -6.18 7.93 2.03
#